data_5TV5
#
_entry.id   5TV5
#
_cell.length_a   56.648
_cell.length_b   68.211
_cell.length_c   158.419
_cell.angle_alpha   90.00
_cell.angle_beta   90.00
_cell.angle_gamma   90.00
#
_symmetry.space_group_name_H-M   'P 21 21 21'
#
loop_
_entity.id
_entity.type
_entity.pdbx_description
1 polymer '6-carboxyhexanoate--CoA ligase'
2 water water
#
_entity_poly.entity_id   1
_entity_poly.type   'polypeptide(L)'
_entity_poly.pdbx_seq_one_letter_code
;MDLFSVRMRAQKNGKHVSGAERIVKKEELETAVKELLNRPKEFDFMNVKVEKVKDFEVVKFNLKISTYSFKSPEEAREFA
VKKLTQEGIKEEVAKKAVEILSKGANPKGGNMRGAVLMDIETGERLEEDKERGVRTIHFDWKDRKKVTEKLLKEGYTLRT
VDALALTFKNLFCGVVAELCWSDDPDYVTGYVSGKEIGYVRITPLKEKGDPLGGRVYFVSRKELSEIIECLTQKVVLIEL
;
_entity_poly.pdbx_strand_id   A,B
#
# COMPACT_ATOMS: atom_id res chain seq x y z
N LEU A 3 25.50 -11.63 -6.69
CA LEU A 3 25.53 -10.16 -6.66
C LEU A 3 26.82 -9.63 -6.10
N PHE A 4 27.28 -8.50 -6.63
CA PHE A 4 28.45 -7.80 -6.13
C PHE A 4 28.12 -6.33 -5.97
N SER A 5 28.49 -5.77 -4.83
CA SER A 5 28.38 -4.34 -4.60
C SER A 5 29.66 -3.69 -5.08
N VAL A 6 29.54 -2.77 -6.05
CA VAL A 6 30.67 -2.00 -6.52
C VAL A 6 30.47 -0.57 -6.06
N ARG A 7 31.35 -0.11 -5.18
CA ARG A 7 31.30 1.24 -4.66
C ARG A 7 32.57 1.97 -5.07
N MET A 8 32.44 3.21 -5.51
CA MET A 8 33.62 4.00 -5.77
C MET A 8 33.44 5.40 -5.24
N ARG A 9 34.55 5.99 -4.79
CA ARG A 9 34.66 7.35 -4.31
C ARG A 9 35.91 7.94 -4.93
N ALA A 10 35.92 9.26 -5.11
CA ALA A 10 37.04 9.89 -5.79
C ALA A 10 37.23 11.30 -5.26
N GLN A 11 38.48 11.77 -5.24
CA GLN A 11 38.82 13.07 -4.68
C GLN A 11 39.73 13.84 -5.62
N LYS A 12 39.70 15.17 -5.48
CA LYS A 12 40.71 16.04 -6.08
C LYS A 12 41.15 17.02 -5.00
N ASN A 13 42.47 17.09 -4.76
CA ASN A 13 43.05 17.96 -3.75
C ASN A 13 42.39 17.77 -2.38
N GLY A 14 42.21 16.50 -2.00
CA GLY A 14 41.70 16.17 -0.68
C GLY A 14 40.22 16.38 -0.48
N LYS A 15 39.45 16.59 -1.56
CA LYS A 15 38.02 16.85 -1.47
C LYS A 15 37.26 15.89 -2.36
N HIS A 16 36.20 15.28 -1.80
CA HIS A 16 35.31 14.40 -2.55
C HIS A 16 34.76 15.14 -3.77
N VAL A 17 34.77 14.46 -4.93
CA VAL A 17 34.32 15.05 -6.20
C VAL A 17 33.34 14.12 -6.89
N SER A 18 33.33 12.85 -6.50
CA SER A 18 32.52 11.86 -7.20
C SER A 18 32.49 10.57 -6.40
N GLY A 19 31.39 9.84 -6.58
CA GLY A 19 31.11 8.60 -5.88
C GLY A 19 29.85 7.95 -6.42
N ALA A 20 29.86 6.64 -6.58
CA ALA A 20 28.67 5.93 -7.01
C ALA A 20 28.73 4.51 -6.47
N GLU A 21 27.61 3.82 -6.57
CA GLU A 21 27.54 2.43 -6.22
C GLU A 21 26.61 1.70 -7.18
N ARG A 22 27.01 0.51 -7.59
CA ARG A 22 26.17 -0.40 -8.33
C ARG A 22 26.18 -1.73 -7.61
N ILE A 23 25.05 -2.42 -7.67
CA ILE A 23 24.96 -3.78 -7.17
C ILE A 23 24.53 -4.62 -8.37
N VAL A 24 25.40 -5.54 -8.79
CA VAL A 24 25.18 -6.30 -10.02
C VAL A 24 25.70 -7.72 -9.82
N LYS A 25 25.30 -8.61 -10.72
CA LYS A 25 25.86 -9.95 -10.74
C LYS A 25 27.16 -9.96 -11.55
N LYS A 26 27.91 -11.06 -11.39
CA LYS A 26 29.31 -11.10 -11.82
C LYS A 26 29.44 -10.83 -13.31
N GLU A 27 28.54 -11.40 -14.12
CA GLU A 27 28.52 -11.20 -15.57
C GLU A 27 28.49 -9.73 -15.95
N GLU A 28 28.06 -8.85 -15.04
CA GLU A 28 27.99 -7.41 -15.27
C GLU A 28 28.96 -6.64 -14.40
N LEU A 29 29.91 -7.32 -13.76
CA LEU A 29 30.83 -6.66 -12.86
C LEU A 29 31.78 -5.73 -13.62
N GLU A 30 32.39 -6.22 -14.70
CA GLU A 30 33.27 -5.40 -15.52
C GLU A 30 32.57 -4.13 -16.01
N THR A 31 31.37 -4.29 -16.60
CA THR A 31 30.64 -3.13 -17.11
C THR A 31 30.49 -2.06 -16.04
N ALA A 32 30.06 -2.47 -14.85
CA ALA A 32 29.78 -1.53 -13.76
C ALA A 32 31.05 -0.86 -13.29
N VAL A 33 32.16 -1.61 -13.20
CA VAL A 33 33.45 -1.03 -12.86
C VAL A 33 33.90 0.00 -13.92
N LYS A 34 33.63 -0.29 -15.19
CA LYS A 34 34.05 0.64 -16.23
C LYS A 34 33.28 1.95 -16.15
N GLU A 35 31.98 1.89 -15.85
CA GLU A 35 31.21 3.12 -15.65
C GLU A 35 31.76 3.95 -14.51
N LEU A 36 31.97 3.33 -13.34
CA LEU A 36 32.37 4.11 -12.18
C LEU A 36 33.79 4.61 -12.31
N LEU A 37 34.66 3.85 -12.97
CA LEU A 37 36.00 4.36 -13.29
C LEU A 37 35.94 5.60 -14.17
N ASN A 38 34.86 5.76 -14.94
CA ASN A 38 34.76 6.87 -15.87
C ASN A 38 33.86 8.00 -15.38
N ARG A 39 33.21 7.84 -14.21
CA ARG A 39 32.30 8.88 -13.73
C ARG A 39 33.00 10.19 -13.38
N PRO A 40 34.12 10.22 -12.65
CA PRO A 40 34.73 11.52 -12.34
C PRO A 40 35.34 12.13 -13.58
N LYS A 41 35.14 13.43 -13.75
CA LYS A 41 35.91 14.15 -14.75
C LYS A 41 37.38 14.14 -14.36
N GLU A 42 37.77 14.95 -13.37
CA GLU A 42 39.17 15.02 -12.93
C GLU A 42 39.29 14.60 -11.48
N PHE A 43 40.11 13.58 -11.22
CA PHE A 43 40.40 13.13 -9.87
C PHE A 43 41.89 12.87 -9.70
N ASP A 44 42.38 13.01 -8.48
CA ASP A 44 43.74 12.55 -8.17
C ASP A 44 43.78 11.35 -7.21
N PHE A 45 42.65 10.95 -6.63
CA PHE A 45 42.52 9.72 -5.84
C PHE A 45 41.14 9.13 -6.09
N MET A 46 41.08 7.81 -6.13
CA MET A 46 39.84 7.10 -6.38
C MET A 46 40.00 5.71 -5.79
N ASN A 47 38.99 5.27 -5.07
CA ASN A 47 38.96 3.93 -4.50
C ASN A 47 37.70 3.26 -5.02
N VAL A 48 37.84 1.98 -5.34
CA VAL A 48 36.75 1.16 -5.86
C VAL A 48 36.74 -0.12 -5.05
N LYS A 49 35.71 -0.30 -4.23
CA LYS A 49 35.56 -1.48 -3.41
C LYS A 49 34.51 -2.38 -4.02
N VAL A 50 34.90 -3.60 -4.38
CA VAL A 50 33.99 -4.63 -4.88
C VAL A 50 33.71 -5.66 -3.77
N GLU A 51 32.44 -5.96 -3.57
CA GLU A 51 32.04 -6.79 -2.43
C GLU A 51 30.98 -7.79 -2.84
N LYS A 52 31.20 -9.05 -2.49
CA LYS A 52 30.18 -10.08 -2.68
C LYS A 52 29.05 -9.88 -1.69
N VAL A 53 27.83 -9.78 -2.21
CA VAL A 53 26.64 -9.56 -1.41
C VAL A 53 26.30 -10.85 -0.67
N LYS A 54 26.03 -10.74 0.64
CA LYS A 54 25.66 -11.91 1.45
C LYS A 54 24.14 -12.15 1.40
N ASP A 55 23.39 -11.30 2.08
CA ASP A 55 21.94 -11.27 2.00
C ASP A 55 21.54 -9.99 1.29
N PHE A 56 20.48 -10.07 0.46
CA PHE A 56 19.90 -8.87 -0.14
C PHE A 56 18.39 -9.06 -0.28
N GLU A 57 17.70 -7.94 -0.43
CA GLU A 57 16.24 -7.93 -0.57
C GLU A 57 15.86 -7.17 -1.84
N VAL A 58 14.84 -7.67 -2.53
CA VAL A 58 14.27 -6.99 -3.70
C VAL A 58 12.93 -6.40 -3.32
N VAL A 59 12.76 -5.09 -3.53
CA VAL A 59 11.52 -4.39 -3.21
C VAL A 59 11.02 -3.65 -4.45
N LYS A 60 9.71 -3.65 -4.66
CA LYS A 60 9.12 -3.01 -5.83
C LYS A 60 8.86 -1.53 -5.57
N PHE A 61 9.47 -0.67 -6.39
CA PHE A 61 9.21 0.75 -6.32
C PHE A 61 7.72 1.01 -6.53
N ASN A 62 7.15 1.91 -5.72
CA ASN A 62 5.74 2.24 -5.88
C ASN A 62 5.40 3.58 -5.26
N LEU A 63 6.29 4.56 -5.40
CA LEU A 63 5.98 5.94 -5.04
C LEU A 63 5.32 6.65 -6.21
N LYS A 64 4.52 7.68 -5.89
CA LYS A 64 3.93 8.53 -6.92
C LYS A 64 4.82 9.74 -7.14
N ILE A 65 5.35 9.88 -8.36
CA ILE A 65 6.10 11.07 -8.73
C ILE A 65 5.15 12.20 -9.07
N SER A 66 5.42 13.39 -8.56
CA SER A 66 4.65 14.57 -8.90
C SER A 66 5.57 15.77 -8.86
N THR A 67 5.36 16.69 -9.80
CA THR A 67 6.26 17.83 -9.98
C THR A 67 5.50 19.12 -9.71
N TYR A 68 6.18 20.05 -9.05
CA TYR A 68 5.64 21.37 -8.76
C TYR A 68 6.75 22.38 -9.00
N SER A 69 6.35 23.58 -9.41
CA SER A 69 7.31 24.65 -9.67
C SER A 69 6.74 25.98 -9.22
N PHE A 70 7.59 26.79 -8.61
CA PHE A 70 7.18 27.99 -7.90
C PHE A 70 8.04 29.15 -8.39
N LYS A 71 7.80 30.34 -7.83
CA LYS A 71 8.51 31.53 -8.27
C LYS A 71 9.85 31.73 -7.55
N SER A 72 9.89 31.48 -6.25
CA SER A 72 11.09 31.73 -5.47
C SER A 72 11.34 30.56 -4.52
N PRO A 73 12.55 30.46 -3.92
CA PRO A 73 12.76 29.44 -2.87
C PRO A 73 11.74 29.51 -1.75
N GLU A 74 11.37 30.73 -1.34
CA GLU A 74 10.37 30.96 -0.31
C GLU A 74 9.16 30.05 -0.50
N GLU A 75 8.46 30.20 -1.62
CA GLU A 75 7.20 29.48 -1.83
C GLU A 75 7.41 27.98 -1.93
N ALA A 76 8.45 27.58 -2.67
CA ALA A 76 8.80 26.17 -2.79
C ALA A 76 9.21 25.58 -1.44
N ARG A 77 10.01 26.32 -0.65
CA ARG A 77 10.32 25.85 0.69
C ARG A 77 9.07 25.88 1.57
N GLU A 78 8.30 26.96 1.50
CA GLU A 78 7.03 26.99 2.21
C GLU A 78 6.12 25.84 1.79
N PHE A 79 6.12 25.51 0.49
CA PHE A 79 5.26 24.43 0.03
C PHE A 79 5.78 23.07 0.48
N ALA A 80 7.10 22.89 0.54
CA ALA A 80 7.68 21.64 1.03
C ALA A 80 7.33 21.41 2.50
N VAL A 81 7.38 22.48 3.31
CA VAL A 81 6.93 22.43 4.70
C VAL A 81 5.48 21.96 4.77
N LYS A 82 4.65 22.40 3.84
CA LYS A 82 3.26 21.94 3.80
C LYS A 82 3.17 20.44 3.54
N LYS A 83 4.03 19.92 2.65
CA LYS A 83 3.95 18.52 2.25
C LYS A 83 4.48 17.60 3.34
N LEU A 84 5.58 17.99 3.98
CA LEU A 84 6.04 17.29 5.17
C LEU A 84 4.99 17.28 6.26
N THR A 85 4.19 18.34 6.36
CA THR A 85 3.09 18.36 7.32
C THR A 85 2.09 17.25 7.03
N GLN A 86 1.92 16.87 5.77
CA GLN A 86 0.95 15.85 5.39
C GLN A 86 1.45 14.44 5.67
N GLU A 87 2.67 14.30 6.21
CA GLU A 87 3.15 13.02 6.67
C GLU A 87 3.04 12.89 8.17
N GLY A 88 2.74 13.97 8.87
CA GLY A 88 2.70 13.98 10.32
C GLY A 88 3.71 14.90 10.96
N ILE A 89 4.64 15.46 10.22
CA ILE A 89 5.64 16.36 10.79
C ILE A 89 4.96 17.68 11.15
N LYS A 90 5.00 18.03 12.42
CA LYS A 90 4.50 19.34 12.84
C LYS A 90 5.28 20.44 12.12
N GLU A 91 4.59 21.53 11.79
CA GLU A 91 5.12 22.50 10.82
C GLU A 91 6.49 23.03 11.23
N GLU A 92 6.69 23.31 12.52
CA GLU A 92 7.92 23.93 12.99
C GLU A 92 9.08 22.94 13.07
N VAL A 93 8.80 21.65 12.99
CA VAL A 93 9.86 20.67 12.82
C VAL A 93 10.29 20.61 11.37
N ALA A 94 9.33 20.55 10.44
CA ALA A 94 9.66 20.66 9.03
C ALA A 94 10.45 21.93 8.76
N LYS A 95 10.02 23.05 9.35
CA LYS A 95 10.74 24.30 9.15
C LYS A 95 12.16 24.23 9.69
N LYS A 96 12.37 23.49 10.78
CA LYS A 96 13.70 23.39 11.38
C LYS A 96 14.67 22.62 10.48
N ALA A 97 14.16 21.62 9.76
CA ALA A 97 14.98 20.90 8.79
C ALA A 97 15.37 21.80 7.62
N VAL A 98 14.42 22.57 7.08
CA VAL A 98 14.71 23.54 6.02
C VAL A 98 15.75 24.55 6.51
N GLU A 99 15.59 25.05 7.73
CA GLU A 99 16.54 26.03 8.26
C GLU A 99 17.97 25.47 8.29
N ILE A 100 18.13 24.21 8.73
CA ILE A 100 19.46 23.61 8.85
C ILE A 100 20.14 23.51 7.49
N LEU A 101 19.40 23.09 6.46
CA LEU A 101 20.02 22.86 5.15
C LEU A 101 20.46 24.17 4.50
N SER A 102 19.55 25.16 4.45
CA SER A 102 19.86 26.42 3.79
C SER A 102 21.03 27.12 4.48
N LYS A 103 21.07 27.10 5.81
CA LYS A 103 22.16 27.74 6.52
C LYS A 103 23.44 26.93 6.50
N GLY A 104 23.41 25.70 6.00
CA GLY A 104 24.58 24.86 6.04
C GLY A 104 24.45 23.82 7.13
N ALA A 105 24.53 22.54 6.77
CA ALA A 105 24.22 21.48 7.72
C ALA A 105 25.39 21.21 8.65
N ASN A 106 26.59 21.06 8.10
CA ASN A 106 27.80 20.93 8.90
C ASN A 106 27.91 22.13 9.84
N PRO A 107 27.97 21.92 11.16
CA PRO A 107 28.10 23.07 12.08
C PRO A 107 29.47 23.77 12.02
N LYS A 108 30.48 23.17 11.39
CA LYS A 108 31.75 23.85 11.14
C LYS A 108 31.85 24.37 9.71
N GLY A 109 30.71 24.58 9.05
CA GLY A 109 30.68 25.21 7.74
C GLY A 109 30.45 24.26 6.58
N GLY A 110 29.46 24.58 5.74
CA GLY A 110 29.28 23.87 4.49
C GLY A 110 28.27 22.73 4.53
N ASN A 111 28.53 21.71 3.71
CA ASN A 111 27.63 20.58 3.53
C ASN A 111 28.07 19.35 4.32
N MET A 112 27.14 18.40 4.45
CA MET A 112 27.42 17.07 4.96
C MET A 112 27.30 16.07 3.82
N ARG A 113 28.25 15.13 3.75
CA ARG A 113 28.17 14.07 2.75
C ARG A 113 26.96 13.17 2.99
N GLY A 114 26.48 13.10 4.22
CA GLY A 114 25.33 12.30 4.57
C GLY A 114 24.23 13.11 5.24
N ALA A 115 23.18 12.40 5.61
CA ALA A 115 21.94 13.02 6.01
C ALA A 115 21.94 13.39 7.48
N VAL A 116 21.30 14.51 7.80
CA VAL A 116 20.83 14.76 9.15
C VAL A 116 19.70 13.78 9.47
N LEU A 117 19.73 13.24 10.69
CA LEU A 117 18.63 12.42 11.22
C LEU A 117 17.92 13.23 12.29
N MET A 118 16.72 13.71 11.97
CA MET A 118 16.00 14.63 12.82
C MET A 118 14.93 13.88 13.59
N ASP A 119 14.85 14.14 14.88
CA ASP A 119 13.75 13.64 15.68
C ASP A 119 12.44 14.19 15.13
N ILE A 120 11.55 13.29 14.71
CA ILE A 120 10.32 13.73 14.08
C ILE A 120 9.38 14.45 15.03
N GLU A 121 9.61 14.36 16.34
CA GLU A 121 8.76 14.99 17.34
C GLU A 121 9.34 16.30 17.90
N THR A 122 10.66 16.42 18.03
CA THR A 122 11.28 17.55 18.72
C THR A 122 12.19 18.42 17.87
N GLY A 123 12.54 18.00 16.64
CA GLY A 123 13.49 18.74 15.82
C GLY A 123 14.94 18.61 16.22
N GLU A 124 15.26 17.62 17.07
CA GLU A 124 16.59 17.42 17.60
C GLU A 124 17.40 16.57 16.64
N ARG A 125 18.66 16.96 16.43
CA ARG A 125 19.54 16.19 15.54
C ARG A 125 20.09 14.95 16.26
N LEU A 126 19.69 13.77 15.78
CA LEU A 126 20.04 12.50 16.43
C LEU A 126 21.32 11.85 15.90
N GLU A 127 21.94 12.40 14.86
CA GLU A 127 23.20 11.85 14.37
C GLU A 127 24.33 12.27 15.31
N GLU A 128 25.25 11.36 15.56
CA GLU A 128 26.37 11.67 16.42
C GLU A 128 27.43 12.49 15.71
N ASP A 129 27.62 12.23 14.41
CA ASP A 129 28.60 12.93 13.58
C ASP A 129 27.87 13.99 12.77
N LYS A 130 27.94 15.23 13.21
CA LYS A 130 27.30 16.31 12.45
C LYS A 130 28.15 16.80 11.29
N GLU A 131 29.39 16.32 11.17
CA GLU A 131 30.18 16.64 9.99
C GLU A 131 29.83 15.73 8.81
N ARG A 132 29.91 14.41 9.02
CA ARG A 132 29.71 13.46 7.94
C ARG A 132 28.25 13.00 7.80
N GLY A 133 27.47 13.00 8.88
CA GLY A 133 26.07 12.58 8.80
C GLY A 133 25.96 11.08 8.64
N VAL A 134 24.77 10.63 8.24
CA VAL A 134 24.51 9.21 8.02
C VAL A 134 24.24 8.96 6.54
N ARG A 135 25.21 8.32 5.87
CA ARG A 135 25.12 8.04 4.44
C ARG A 135 24.36 6.75 4.19
N THR A 136 23.32 6.81 3.36
CA THR A 136 22.62 5.61 2.89
C THR A 136 23.39 4.99 1.73
N ILE A 137 23.60 3.67 1.80
CA ILE A 137 24.39 2.95 0.81
C ILE A 137 23.72 1.61 0.59
N HIS A 138 24.41 0.71 -0.12
CA HIS A 138 23.94 -0.63 -0.44
C HIS A 138 22.47 -0.65 -0.92
N PHE A 139 22.16 0.24 -1.87
CA PHE A 139 20.93 0.17 -2.64
C PHE A 139 21.28 0.29 -4.12
N ASP A 140 20.35 -0.14 -4.99
CA ASP A 140 20.43 0.04 -6.45
C ASP A 140 19.11 -0.37 -7.09
N TRP A 141 18.87 0.18 -8.29
CA TRP A 141 17.83 -0.34 -9.17
C TRP A 141 18.21 -1.74 -9.59
N LYS A 142 17.24 -2.65 -9.57
CA LYS A 142 17.51 -4.01 -10.02
C LYS A 142 18.00 -4.03 -11.48
N ASP A 143 17.42 -3.18 -12.32
CA ASP A 143 17.83 -3.11 -13.74
C ASP A 143 17.98 -1.64 -14.08
N ARG A 144 19.22 -1.13 -13.96
CA ARG A 144 19.42 0.31 -14.06
C ARG A 144 19.32 0.79 -15.52
N LYS A 145 19.83 0.02 -16.47
CA LYS A 145 19.70 0.42 -17.87
C LYS A 145 18.23 0.67 -18.23
N LYS A 146 17.36 -0.29 -17.92
CA LYS A 146 15.93 -0.14 -18.22
C LYS A 146 15.36 1.12 -17.56
N VAL A 147 15.60 1.26 -16.26
CA VAL A 147 15.00 2.34 -15.48
C VAL A 147 15.55 3.70 -15.89
N THR A 148 16.76 3.75 -16.44
CA THR A 148 17.35 5.03 -16.81
C THR A 148 16.78 5.53 -18.14
N GLU A 149 16.64 4.65 -19.13
CA GLU A 149 16.07 5.07 -20.38
C GLU A 149 14.59 5.44 -20.21
N LYS A 150 13.85 4.67 -19.43
CA LYS A 150 12.43 4.95 -19.21
C LYS A 150 12.25 6.29 -18.53
N LEU A 151 13.00 6.56 -17.46
CA LEU A 151 12.75 7.77 -16.69
C LEU A 151 13.25 9.03 -17.37
N LEU A 152 14.35 8.95 -18.11
CA LEU A 152 14.80 10.07 -18.91
C LEU A 152 13.77 10.44 -19.97
N LYS A 153 13.22 9.44 -20.68
CA LYS A 153 12.20 9.70 -21.70
C LYS A 153 10.93 10.27 -21.10
N GLU A 154 10.70 10.04 -19.81
CA GLU A 154 9.65 10.77 -19.12
C GLU A 154 10.11 12.16 -18.71
N GLY A 155 11.36 12.51 -18.95
CA GLY A 155 11.86 13.83 -18.65
C GLY A 155 12.45 14.05 -17.28
N TYR A 156 12.82 12.98 -16.54
CA TYR A 156 13.58 13.16 -15.31
C TYR A 156 15.07 13.03 -15.60
N THR A 157 15.86 13.77 -14.81
CA THR A 157 17.31 13.84 -14.95
C THR A 157 17.98 12.62 -14.34
N LEU A 158 19.28 12.51 -14.57
CA LEU A 158 20.04 11.43 -13.98
C LEU A 158 20.10 11.58 -12.46
N ARG A 159 20.14 12.81 -11.97
CA ARG A 159 19.98 13.05 -10.54
C ARG A 159 18.68 12.44 -10.02
N THR A 160 17.59 12.54 -10.79
CA THR A 160 16.32 12.03 -10.31
C THR A 160 16.32 10.51 -10.25
N VAL A 161 16.89 9.86 -11.27
CA VAL A 161 17.05 8.40 -11.25
C VAL A 161 17.77 7.97 -9.99
N ASP A 162 18.78 8.76 -9.59
CA ASP A 162 19.57 8.41 -8.42
C ASP A 162 18.80 8.67 -7.14
N ALA A 163 18.25 9.89 -6.97
CA ALA A 163 17.54 10.24 -5.74
C ALA A 163 16.33 9.34 -5.51
N LEU A 164 15.68 8.88 -6.57
CA LEU A 164 14.52 8.02 -6.41
C LEU A 164 14.89 6.72 -5.74
N ALA A 165 15.99 6.10 -6.16
CA ALA A 165 16.37 4.84 -5.54
C ALA A 165 16.86 5.07 -4.12
N LEU A 166 17.62 6.14 -3.89
CA LEU A 166 18.12 6.44 -2.56
C LEU A 166 16.97 6.65 -1.58
N THR A 167 16.11 7.64 -1.87
CA THR A 167 15.02 7.99 -0.98
C THR A 167 14.04 6.84 -0.81
N PHE A 168 13.95 5.95 -1.80
CA PHE A 168 13.04 4.84 -1.63
C PHE A 168 13.63 3.74 -0.75
N LYS A 169 14.96 3.62 -0.71
CA LYS A 169 15.55 2.77 0.31
C LYS A 169 15.33 3.37 1.69
N ASN A 170 15.50 4.69 1.82
CA ASN A 170 15.27 5.39 3.07
C ASN A 170 13.86 5.14 3.62
N LEU A 171 12.85 5.20 2.75
CA LEU A 171 11.49 4.94 3.20
C LEU A 171 11.28 3.46 3.54
N PHE A 172 11.95 2.56 2.82
CA PHE A 172 11.88 1.15 3.17
C PHE A 172 12.53 0.89 4.52
N CYS A 173 13.61 1.59 4.83
CA CYS A 173 14.36 1.44 6.05
C CYS A 173 13.74 2.16 7.26
N GLY A 174 12.54 2.73 7.11
CA GLY A 174 11.83 3.30 8.23
C GLY A 174 11.91 4.80 8.40
N VAL A 175 12.62 5.51 7.51
CA VAL A 175 12.49 6.97 7.50
C VAL A 175 11.05 7.32 7.15
N VAL A 176 10.45 8.22 7.95
CA VAL A 176 9.06 8.60 7.75
C VAL A 176 8.93 9.48 6.51
N ALA A 177 9.79 10.49 6.40
CA ALA A 177 9.75 11.46 5.32
C ALA A 177 11.13 12.10 5.15
N GLU A 178 11.39 12.60 3.94
CA GLU A 178 12.69 13.16 3.59
C GLU A 178 12.57 14.57 3.02
N LEU A 179 13.57 15.40 3.30
CA LEU A 179 13.74 16.74 2.73
C LEU A 179 15.11 16.77 2.07
N CYS A 180 15.14 16.98 0.75
CA CYS A 180 16.40 16.94 0.00
C CYS A 180 16.43 17.99 -1.11
N TRP A 181 17.56 18.71 -1.21
CA TRP A 181 17.93 19.42 -2.43
C TRP A 181 19.46 19.38 -2.61
N SER A 182 19.87 19.41 -3.88
CA SER A 182 21.28 19.25 -4.25
C SER A 182 22.14 20.35 -3.63
N ASP A 183 23.42 20.05 -3.44
CA ASP A 183 24.40 21.06 -3.10
C ASP A 183 25.14 21.59 -4.32
N ASP A 184 24.80 21.08 -5.50
CA ASP A 184 25.30 21.62 -6.75
C ASP A 184 24.83 23.07 -6.91
N PRO A 185 25.75 24.02 -7.12
CA PRO A 185 25.32 25.43 -7.12
C PRO A 185 24.26 25.73 -8.15
N ASP A 186 24.18 24.94 -9.23
CA ASP A 186 23.28 25.23 -10.32
C ASP A 186 21.99 24.41 -10.32
N TYR A 187 22.02 23.17 -9.80
CA TYR A 187 20.80 22.39 -9.69
C TYR A 187 19.97 22.95 -8.54
N VAL A 188 18.70 23.24 -8.81
CA VAL A 188 17.81 23.89 -7.86
C VAL A 188 16.52 23.12 -7.64
N THR A 189 16.35 21.98 -8.30
CA THR A 189 15.22 21.09 -8.07
C THR A 189 15.56 20.09 -6.96
N GLY A 190 14.64 19.97 -6.00
CA GLY A 190 14.78 19.00 -4.92
C GLY A 190 13.47 18.32 -4.63
N TYR A 191 13.32 17.68 -3.47
CA TYR A 191 12.09 16.96 -3.21
C TYR A 191 11.81 16.86 -1.70
N VAL A 192 10.59 16.44 -1.41
CA VAL A 192 10.26 15.80 -0.15
C VAL A 192 9.61 14.47 -0.53
N SER A 193 9.94 13.42 0.21
CA SER A 193 9.27 12.16 -0.01
C SER A 193 8.64 11.68 1.29
N GLY A 194 7.73 10.73 1.14
CA GLY A 194 7.01 10.12 2.23
C GLY A 194 6.03 9.13 1.64
N LYS A 195 5.72 8.07 2.39
CA LYS A 195 4.84 7.03 1.85
C LYS A 195 3.42 7.54 1.56
N GLU A 196 3.02 8.65 2.16
CA GLU A 196 1.72 9.24 1.84
C GLU A 196 1.83 10.18 0.65
N ILE A 197 2.70 11.20 0.76
CA ILE A 197 2.81 12.23 -0.27
C ILE A 197 3.59 11.78 -1.50
N GLY A 198 4.22 10.60 -1.48
CA GLY A 198 5.01 10.15 -2.61
C GLY A 198 6.32 10.92 -2.74
N TYR A 199 6.84 10.99 -3.97
CA TYR A 199 8.05 11.75 -4.32
C TYR A 199 7.63 13.09 -4.93
N VAL A 200 7.96 14.18 -4.25
CA VAL A 200 7.42 15.48 -4.58
C VAL A 200 8.52 16.41 -5.09
N ARG A 201 8.74 16.40 -6.40
CA ARG A 201 9.73 17.28 -6.99
C ARG A 201 9.28 18.73 -6.88
N ILE A 202 10.19 19.58 -6.40
CA ILE A 202 9.90 20.99 -6.12
C ILE A 202 11.03 21.84 -6.68
N THR A 203 10.69 22.82 -7.52
CA THR A 203 11.70 23.69 -8.13
C THR A 203 11.56 25.11 -7.61
N PRO A 204 12.62 25.93 -7.80
CA PRO A 204 13.57 26.62 -6.93
C PRO A 204 13.47 26.29 -5.45
N LEU A 205 14.17 25.26 -4.97
CA LEU A 205 14.34 25.09 -3.53
C LEU A 205 15.52 25.87 -2.99
N LYS A 206 16.35 26.43 -3.87
CA LYS A 206 17.33 27.44 -3.54
C LYS A 206 17.53 28.31 -4.77
N GLU A 207 18.44 29.26 -4.64
CA GLU A 207 18.84 30.09 -5.76
C GLU A 207 20.02 29.46 -6.49
N LYS A 208 20.08 29.72 -7.80
CA LYS A 208 21.28 29.37 -8.55
C LYS A 208 22.50 30.05 -7.92
N GLY A 209 23.59 29.30 -7.82
CA GLY A 209 24.79 29.80 -7.18
C GLY A 209 25.01 29.23 -5.80
N ASP A 210 23.93 29.13 -5.00
CA ASP A 210 23.92 28.65 -3.62
C ASP A 210 24.53 27.26 -3.54
N PRO A 211 25.74 27.13 -3.00
CA PRO A 211 26.38 25.81 -2.91
C PRO A 211 25.90 24.98 -1.73
N LEU A 212 24.99 25.52 -0.91
CA LEU A 212 24.48 24.83 0.27
C LEU A 212 23.25 23.98 -0.09
N GLY A 213 23.34 22.68 0.16
CA GLY A 213 22.26 21.72 -0.02
C GLY A 213 22.56 20.43 0.73
N GLY A 214 21.52 19.59 0.86
CA GLY A 214 21.67 18.31 1.56
C GLY A 214 20.38 17.54 1.82
N ARG A 215 20.38 16.69 2.87
CA ARG A 215 19.26 15.82 3.16
C ARG A 215 18.92 15.82 4.65
N VAL A 216 17.63 15.76 4.97
CA VAL A 216 17.17 15.58 6.35
C VAL A 216 16.20 14.41 6.38
N TYR A 217 16.47 13.46 7.29
CA TYR A 217 15.65 12.26 7.44
C TYR A 217 14.82 12.40 8.71
N PHE A 218 13.50 12.49 8.55
CA PHE A 218 12.58 12.56 9.68
C PHE A 218 12.33 11.15 10.19
N VAL A 219 12.74 10.90 11.43
CA VAL A 219 12.77 9.55 11.97
C VAL A 219 12.22 9.58 13.38
N SER A 220 11.65 8.46 13.80
CA SER A 220 11.21 8.29 15.18
C SER A 220 12.37 7.78 16.02
N ARG A 221 12.70 8.51 17.07
CA ARG A 221 13.86 8.17 17.89
C ARG A 221 13.74 6.77 18.50
N LYS A 222 12.51 6.31 18.76
CA LYS A 222 12.25 4.99 19.33
C LYS A 222 12.64 3.89 18.35
N GLU A 223 13.03 4.31 17.14
CA GLU A 223 13.35 3.42 16.03
C GLU A 223 14.74 3.72 15.45
N LEU A 224 15.51 4.60 16.13
CA LEU A 224 16.73 5.17 15.57
C LEU A 224 17.74 4.10 15.16
N SER A 225 18.10 3.22 16.10
CA SER A 225 19.19 2.28 15.88
C SER A 225 18.86 1.26 14.81
N GLU A 226 17.61 0.88 14.68
CA GLU A 226 17.28 -0.08 13.66
C GLU A 226 17.26 0.57 12.28
N ILE A 227 16.97 1.88 12.21
CA ILE A 227 17.05 2.57 10.94
C ILE A 227 18.50 2.70 10.48
N ILE A 228 19.38 3.26 11.34
CA ILE A 228 20.77 3.42 10.92
C ILE A 228 21.34 2.11 10.41
N GLU A 229 21.18 1.03 11.20
CA GLU A 229 21.60 -0.29 10.74
C GLU A 229 21.05 -0.61 9.35
N CYS A 230 19.80 -0.22 9.06
CA CYS A 230 19.21 -0.55 7.75
C CYS A 230 19.78 0.33 6.64
N LEU A 231 19.79 1.64 6.88
CA LEU A 231 20.38 2.59 5.95
C LEU A 231 21.79 2.17 5.49
N THR A 232 22.62 1.65 6.40
CA THR A 232 24.05 1.51 6.15
C THR A 232 24.49 0.08 5.87
N GLN A 233 23.59 -0.91 5.95
CA GLN A 233 24.03 -2.30 5.89
C GLN A 233 23.12 -3.23 5.11
N LYS A 234 21.81 -3.00 5.09
CA LYS A 234 20.93 -3.88 4.32
C LYS A 234 21.08 -3.60 2.82
N VAL A 235 21.20 -4.66 2.02
CA VAL A 235 21.36 -4.54 0.59
C VAL A 235 19.99 -4.73 -0.05
N VAL A 236 19.53 -3.70 -0.75
CA VAL A 236 18.20 -3.64 -1.35
C VAL A 236 18.35 -3.37 -2.84
N LEU A 237 17.78 -4.23 -3.64
CA LEU A 237 17.60 -4.00 -5.07
C LEU A 237 16.17 -3.58 -5.28
N ILE A 238 15.97 -2.58 -6.14
CA ILE A 238 14.65 -1.99 -6.36
C ILE A 238 14.17 -2.31 -7.78
N GLU A 239 13.08 -3.05 -7.89
CA GLU A 239 12.45 -3.36 -9.18
C GLU A 239 11.35 -2.34 -9.45
N LEU A 240 11.34 -1.82 -10.67
CA LEU A 240 10.30 -0.89 -11.11
C LEU A 240 9.12 -1.68 -11.64
N ASP B 2 -23.65 -35.40 12.20
CA ASP B 2 -22.89 -34.72 11.16
C ASP B 2 -23.51 -33.34 10.94
N LEU B 3 -22.95 -32.59 9.99
CA LEU B 3 -23.39 -31.23 9.68
C LEU B 3 -24.10 -31.16 8.33
N PHE B 4 -24.88 -30.09 8.16
CA PHE B 4 -25.81 -29.92 7.06
C PHE B 4 -25.81 -28.47 6.63
N SER B 5 -25.64 -28.23 5.33
CA SER B 5 -25.86 -26.89 4.76
C SER B 5 -27.36 -26.61 4.63
N VAL B 6 -27.76 -25.40 5.02
CA VAL B 6 -29.16 -25.01 5.13
C VAL B 6 -29.33 -23.71 4.33
N ARG B 7 -29.70 -23.83 3.05
CA ARG B 7 -29.84 -22.68 2.17
C ARG B 7 -31.30 -22.25 2.06
N MET B 8 -31.55 -20.97 2.30
CA MET B 8 -32.86 -20.35 2.12
C MET B 8 -32.80 -19.33 1.00
N ARG B 9 -33.89 -19.21 0.25
CA ARG B 9 -34.03 -18.09 -0.68
C ARG B 9 -35.52 -17.76 -0.80
N ALA B 10 -35.82 -16.46 -0.76
CA ALA B 10 -37.20 -15.97 -0.74
C ALA B 10 -37.44 -15.01 -1.91
N GLN B 11 -38.70 -15.00 -2.35
CA GLN B 11 -39.15 -14.12 -3.41
C GLN B 11 -40.47 -13.48 -3.02
N LYS B 12 -40.83 -12.46 -3.80
CA LYS B 12 -42.16 -11.89 -3.82
C LYS B 12 -42.37 -11.35 -5.22
N ASN B 13 -43.43 -11.80 -5.89
CA ASN B 13 -43.72 -11.38 -7.26
C ASN B 13 -42.49 -11.57 -8.14
N GLY B 14 -41.97 -12.79 -8.12
CA GLY B 14 -40.81 -13.16 -8.92
C GLY B 14 -39.48 -12.57 -8.51
N LYS B 15 -39.44 -11.60 -7.58
CA LYS B 15 -38.21 -10.88 -7.26
C LYS B 15 -37.60 -11.37 -5.94
N HIS B 16 -36.28 -11.61 -5.95
CA HIS B 16 -35.54 -12.10 -4.77
C HIS B 16 -35.53 -11.05 -3.66
N VAL B 17 -36.09 -11.39 -2.50
CA VAL B 17 -36.12 -10.47 -1.37
C VAL B 17 -35.23 -10.91 -0.20
N SER B 18 -34.85 -12.18 -0.14
CA SER B 18 -34.04 -12.64 0.98
C SER B 18 -33.33 -13.93 0.59
N GLY B 19 -32.24 -14.21 1.29
CA GLY B 19 -31.50 -15.45 1.13
C GLY B 19 -30.40 -15.53 2.17
N ALA B 20 -30.07 -16.74 2.63
CA ALA B 20 -29.04 -16.91 3.65
C ALA B 20 -28.60 -18.37 3.67
N GLU B 21 -27.40 -18.60 4.18
CA GLU B 21 -26.95 -19.97 4.39
C GLU B 21 -26.47 -20.17 5.82
N ARG B 22 -26.76 -21.35 6.37
CA ARG B 22 -26.16 -21.80 7.61
C ARG B 22 -25.68 -23.22 7.43
N ILE B 23 -24.64 -23.59 8.18
CA ILE B 23 -24.03 -24.90 8.14
C ILE B 23 -23.90 -25.38 9.57
N VAL B 24 -24.71 -26.38 9.95
CA VAL B 24 -24.87 -26.78 11.34
C VAL B 24 -25.07 -28.30 11.38
N LYS B 25 -25.06 -28.83 12.62
CA LYS B 25 -25.29 -30.24 12.90
C LYS B 25 -26.79 -30.51 13.05
N LYS B 26 -27.14 -31.80 13.12
CA LYS B 26 -28.56 -32.17 13.11
C LYS B 26 -29.33 -31.51 14.25
N GLU B 27 -28.70 -31.40 15.43
CA GLU B 27 -29.38 -30.86 16.62
C GLU B 27 -29.50 -29.34 16.59
N GLU B 28 -28.79 -28.67 15.67
CA GLU B 28 -28.91 -27.23 15.49
C GLU B 28 -29.71 -26.86 14.25
N LEU B 29 -30.24 -27.87 13.54
CA LEU B 29 -30.97 -27.63 12.30
C LEU B 29 -32.22 -26.80 12.53
N GLU B 30 -33.06 -27.22 13.49
CA GLU B 30 -34.30 -26.49 13.74
C GLU B 30 -34.00 -25.03 14.05
N THR B 31 -32.93 -24.77 14.80
CA THR B 31 -32.61 -23.40 15.15
C THR B 31 -32.27 -22.59 13.92
N ALA B 32 -31.42 -23.14 13.04
CA ALA B 32 -31.10 -22.47 11.78
C ALA B 32 -32.34 -22.29 10.90
N VAL B 33 -33.05 -23.38 10.63
CA VAL B 33 -34.26 -23.32 9.80
C VAL B 33 -35.26 -22.30 10.36
N LYS B 34 -35.44 -22.29 11.69
CA LYS B 34 -36.27 -21.23 12.29
C LYS B 34 -35.73 -19.86 11.91
N GLU B 35 -34.41 -19.69 11.98
CA GLU B 35 -33.82 -18.37 11.77
C GLU B 35 -34.11 -17.88 10.36
N LEU B 36 -33.93 -18.76 9.37
CA LEU B 36 -34.15 -18.36 7.99
C LEU B 36 -35.63 -18.18 7.68
N LEU B 37 -36.48 -19.01 8.26
CA LEU B 37 -37.92 -18.84 8.05
C LEU B 37 -38.41 -17.46 8.50
N ASN B 38 -37.78 -16.90 9.52
CA ASN B 38 -38.20 -15.58 9.98
C ASN B 38 -37.39 -14.46 9.36
N ARG B 39 -36.47 -14.75 8.44
CA ARG B 39 -35.53 -13.71 8.01
C ARG B 39 -36.18 -12.66 7.12
N PRO B 40 -36.90 -13.00 6.04
CA PRO B 40 -37.60 -11.96 5.28
C PRO B 40 -38.89 -11.54 5.95
N LYS B 41 -39.21 -10.26 5.80
CA LYS B 41 -40.50 -9.77 6.31
C LYS B 41 -41.65 -10.32 5.47
N GLU B 42 -41.67 -10.00 4.18
CA GLU B 42 -42.70 -10.42 3.25
C GLU B 42 -42.12 -11.35 2.19
N PHE B 43 -42.90 -12.36 1.82
CA PHE B 43 -42.54 -13.28 0.75
C PHE B 43 -43.80 -14.05 0.37
N ASP B 44 -43.89 -14.51 -0.89
CA ASP B 44 -44.95 -15.43 -1.29
C ASP B 44 -44.41 -16.74 -1.83
N PHE B 45 -43.09 -16.89 -1.90
CA PHE B 45 -42.42 -18.16 -2.17
C PHE B 45 -41.12 -18.21 -1.39
N MET B 46 -40.88 -19.30 -0.67
CA MET B 46 -39.62 -19.56 0.02
C MET B 46 -39.19 -20.99 -0.26
N ASN B 47 -37.92 -21.19 -0.61
CA ASN B 47 -37.34 -22.53 -0.59
C ASN B 47 -36.29 -22.65 0.50
N VAL B 48 -36.30 -23.76 1.22
CA VAL B 48 -35.22 -24.08 2.14
C VAL B 48 -34.67 -25.44 1.73
N LYS B 49 -33.40 -25.46 1.36
CA LYS B 49 -32.70 -26.66 0.93
C LYS B 49 -31.74 -27.09 2.04
N VAL B 50 -32.02 -28.24 2.66
CA VAL B 50 -31.15 -28.84 3.65
C VAL B 50 -30.42 -30.01 2.99
N GLU B 51 -29.10 -30.05 3.18
CA GLU B 51 -28.26 -31.00 2.48
C GLU B 51 -27.04 -31.34 3.34
N LYS B 52 -26.79 -32.65 3.53
CA LYS B 52 -25.72 -33.08 4.41
C LYS B 52 -24.37 -32.96 3.71
N VAL B 53 -23.38 -32.46 4.45
CA VAL B 53 -22.05 -32.21 3.92
C VAL B 53 -21.27 -33.52 3.85
N LYS B 54 -20.42 -33.65 2.83
CA LYS B 54 -19.57 -34.82 2.68
C LYS B 54 -18.09 -34.46 2.60
N ASP B 55 -17.75 -33.19 2.73
CA ASP B 55 -16.36 -32.73 2.77
C ASP B 55 -16.36 -31.30 3.29
N PHE B 56 -15.54 -31.03 4.29
CA PHE B 56 -15.47 -29.66 4.78
C PHE B 56 -14.16 -29.43 5.52
N GLU B 57 -13.75 -28.18 5.57
CA GLU B 57 -12.56 -27.79 6.32
C GLU B 57 -12.93 -26.76 7.37
N VAL B 58 -12.36 -26.91 8.57
CA VAL B 58 -12.41 -25.90 9.62
C VAL B 58 -11.16 -25.03 9.48
N VAL B 59 -11.33 -23.71 9.63
CA VAL B 59 -10.25 -22.75 9.43
C VAL B 59 -10.36 -21.66 10.51
N LYS B 60 -9.22 -21.23 11.03
CA LYS B 60 -9.21 -20.29 12.13
C LYS B 60 -9.15 -18.87 11.58
N PHE B 61 -10.20 -18.09 11.87
CA PHE B 61 -10.20 -16.67 11.52
C PHE B 61 -9.00 -15.98 12.15
N ASN B 62 -8.19 -15.32 11.32
CA ASN B 62 -6.99 -14.61 11.79
C ASN B 62 -6.87 -13.23 11.16
N LEU B 63 -7.99 -12.53 11.02
CA LEU B 63 -7.99 -11.19 10.45
C LEU B 63 -8.10 -10.14 11.54
N LYS B 64 -7.26 -9.11 11.45
CA LYS B 64 -7.30 -8.00 12.39
C LYS B 64 -8.30 -6.97 11.91
N ILE B 65 -9.19 -6.55 12.79
CA ILE B 65 -10.34 -5.70 12.46
C ILE B 65 -10.00 -4.25 12.76
N SER B 66 -10.10 -3.40 11.76
CA SER B 66 -9.92 -1.96 11.89
C SER B 66 -11.25 -1.27 11.65
N THR B 67 -11.34 0.00 12.05
CA THR B 67 -12.50 0.84 11.73
C THR B 67 -12.03 2.27 11.53
N TYR B 68 -12.51 2.93 10.46
CA TYR B 68 -12.18 4.32 10.21
C TYR B 68 -13.41 5.10 9.78
N SER B 69 -13.48 6.35 10.23
CA SER B 69 -14.58 7.25 9.94
C SER B 69 -14.07 8.42 9.09
N PHE B 70 -14.94 8.95 8.23
CA PHE B 70 -14.56 10.07 7.39
C PHE B 70 -15.70 11.06 7.27
N LYS B 71 -15.35 12.32 7.01
CA LYS B 71 -16.33 13.40 6.91
C LYS B 71 -17.12 13.36 5.61
N SER B 72 -16.69 12.55 4.63
CA SER B 72 -17.40 12.46 3.37
C SER B 72 -17.07 11.14 2.70
N PRO B 73 -17.95 10.64 1.83
CA PRO B 73 -17.66 9.41 1.09
C PRO B 73 -16.61 9.55 0.01
N GLU B 74 -15.99 10.73 -0.15
CA GLU B 74 -14.86 10.84 -1.06
C GLU B 74 -13.55 10.66 -0.31
N GLU B 75 -13.45 11.21 0.90
CA GLU B 75 -12.33 10.89 1.78
C GLU B 75 -12.26 9.40 2.06
N ALA B 76 -13.44 8.77 2.22
CA ALA B 76 -13.51 7.36 2.59
C ALA B 76 -13.15 6.45 1.42
N ARG B 77 -13.57 6.83 0.21
CA ARG B 77 -13.20 6.06 -0.97
C ARG B 77 -11.72 6.20 -1.30
N GLU B 78 -11.18 7.42 -1.25
CA GLU B 78 -9.74 7.56 -1.47
C GLU B 78 -8.96 6.86 -0.36
N PHE B 79 -9.53 6.76 0.84
CA PHE B 79 -8.91 5.91 1.85
C PHE B 79 -9.02 4.44 1.47
N ALA B 80 -10.18 4.03 0.92
CA ALA B 80 -10.33 2.65 0.49
C ALA B 80 -9.28 2.27 -0.55
N VAL B 81 -8.87 3.21 -1.41
CA VAL B 81 -7.81 2.87 -2.37
C VAL B 81 -6.46 2.84 -1.68
N LYS B 82 -6.31 3.59 -0.59
CA LYS B 82 -5.01 3.68 0.07
C LYS B 82 -4.61 2.36 0.74
N LYS B 83 -5.54 1.69 1.42
CA LYS B 83 -5.20 0.42 2.08
C LYS B 83 -5.12 -0.71 1.07
N LEU B 84 -5.96 -0.68 0.03
CA LEU B 84 -5.90 -1.70 -1.01
C LEU B 84 -4.50 -1.79 -1.62
N THR B 85 -3.89 -0.65 -1.92
CA THR B 85 -2.54 -0.62 -2.48
C THR B 85 -1.56 -1.37 -1.60
N GLN B 86 -1.72 -1.26 -0.27
CA GLN B 86 -0.89 -1.94 0.72
C GLN B 86 -1.01 -3.46 0.63
N GLU B 87 -1.99 -3.98 -0.10
CA GLU B 87 -2.05 -5.40 -0.44
C GLU B 87 -1.52 -5.70 -1.82
N GLY B 88 -0.80 -4.77 -2.44
CA GLY B 88 -0.25 -4.99 -3.76
C GLY B 88 -1.15 -4.61 -4.90
N ILE B 89 -2.40 -4.23 -4.62
CA ILE B 89 -3.28 -3.73 -5.67
C ILE B 89 -2.69 -2.44 -6.23
N LYS B 90 -2.35 -2.45 -7.52
CA LYS B 90 -1.92 -1.22 -8.19
C LYS B 90 -3.05 -0.19 -8.13
N GLU B 91 -2.67 1.07 -7.96
CA GLU B 91 -3.62 2.04 -7.44
C GLU B 91 -4.73 2.34 -8.45
N GLU B 92 -4.36 2.48 -9.73
CA GLU B 92 -5.35 2.71 -10.78
C GLU B 92 -6.35 1.58 -10.89
N VAL B 93 -6.00 0.38 -10.43
CA VAL B 93 -6.96 -0.71 -10.43
C VAL B 93 -7.99 -0.51 -9.32
N ALA B 94 -7.54 -0.01 -8.17
CA ALA B 94 -8.44 0.12 -7.03
C ALA B 94 -9.46 1.23 -7.26
N LYS B 95 -9.05 2.35 -7.85
CA LYS B 95 -10.04 3.34 -8.28
C LYS B 95 -10.97 2.79 -9.34
N LYS B 96 -10.46 1.88 -10.19
CA LYS B 96 -11.28 1.24 -11.21
C LYS B 96 -12.32 0.33 -10.58
N ALA B 97 -12.02 -0.22 -9.40
CA ALA B 97 -12.99 -1.01 -8.66
C ALA B 97 -14.01 -0.11 -7.97
N VAL B 98 -13.55 1.01 -7.40
CA VAL B 98 -14.46 1.92 -6.70
C VAL B 98 -15.41 2.59 -7.67
N GLU B 99 -14.92 2.97 -8.85
CA GLU B 99 -15.76 3.59 -9.86
C GLU B 99 -16.83 2.61 -10.36
N ILE B 100 -16.43 1.35 -10.58
CA ILE B 100 -17.35 0.34 -11.11
C ILE B 100 -18.56 0.15 -10.19
N LEU B 101 -18.37 0.30 -8.88
CA LEU B 101 -19.46 0.16 -7.90
C LEU B 101 -20.25 1.45 -7.68
N SER B 102 -19.57 2.61 -7.67
CA SER B 102 -20.24 3.89 -7.46
C SER B 102 -21.20 4.24 -8.59
N LYS B 103 -20.96 3.72 -9.80
CA LYS B 103 -21.83 4.00 -10.92
C LYS B 103 -22.46 2.72 -11.44
N GLY B 104 -23.06 1.92 -10.55
CA GLY B 104 -23.75 0.70 -10.94
C GLY B 104 -22.84 -0.40 -11.46
N ALA B 105 -22.64 -1.45 -10.68
CA ALA B 105 -21.73 -2.52 -11.07
C ALA B 105 -22.25 -3.36 -12.22
N ASN B 106 -23.58 -3.42 -12.43
CA ASN B 106 -24.16 -4.31 -13.41
C ASN B 106 -24.25 -3.60 -14.76
N PRO B 107 -23.45 -4.01 -15.80
CA PRO B 107 -23.52 -3.28 -17.10
C PRO B 107 -24.82 -3.51 -17.87
N LYS B 108 -25.86 -4.00 -17.19
CA LYS B 108 -27.23 -3.85 -17.66
C LYS B 108 -28.04 -3.08 -16.63
N GLY B 109 -27.36 -2.27 -15.81
CA GLY B 109 -28.00 -1.48 -14.78
C GLY B 109 -28.38 -2.27 -13.55
N GLY B 110 -28.04 -1.76 -12.38
CA GLY B 110 -28.47 -2.31 -11.11
C GLY B 110 -27.32 -2.90 -10.31
N ASN B 111 -27.70 -3.83 -9.41
CA ASN B 111 -26.75 -4.60 -8.63
C ASN B 111 -26.64 -6.02 -9.17
N MET B 112 -25.51 -6.66 -8.89
CA MET B 112 -25.32 -8.08 -9.15
C MET B 112 -25.65 -8.88 -7.91
N ARG B 113 -26.35 -9.99 -8.07
CA ARG B 113 -26.49 -10.84 -6.89
C ARG B 113 -25.18 -11.59 -6.55
N GLY B 114 -24.04 -11.17 -7.13
CA GLY B 114 -22.74 -11.73 -6.87
C GLY B 114 -21.67 -10.65 -6.87
N ALA B 115 -20.44 -11.01 -7.23
CA ALA B 115 -19.31 -10.10 -7.09
C ALA B 115 -18.46 -10.11 -8.36
N VAL B 116 -17.72 -9.02 -8.54
CA VAL B 116 -16.80 -8.88 -9.66
C VAL B 116 -15.51 -9.62 -9.35
N LEU B 117 -15.00 -10.36 -10.34
CA LEU B 117 -13.66 -10.95 -10.24
C LEU B 117 -12.71 -10.09 -11.10
N MET B 118 -12.10 -9.08 -10.47
CA MET B 118 -11.26 -8.15 -11.21
C MET B 118 -9.83 -8.65 -11.29
N ASP B 119 -9.27 -8.62 -12.50
CA ASP B 119 -7.89 -9.01 -12.69
C ASP B 119 -6.99 -8.00 -11.99
N ILE B 120 -6.22 -8.46 -10.99
CA ILE B 120 -5.55 -7.55 -10.07
C ILE B 120 -4.57 -6.63 -10.79
N GLU B 121 -4.09 -7.01 -11.96
CA GLU B 121 -3.10 -6.19 -12.66
C GLU B 121 -3.72 -5.31 -13.75
N THR B 122 -4.44 -5.89 -14.71
CA THR B 122 -5.05 -5.08 -15.78
C THR B 122 -6.15 -4.18 -15.23
N GLY B 123 -7.21 -4.75 -14.66
CA GLY B 123 -8.31 -3.98 -14.14
C GLY B 123 -9.60 -4.35 -14.84
N GLU B 124 -9.56 -5.45 -15.59
CA GLU B 124 -10.71 -5.93 -16.34
C GLU B 124 -11.51 -6.94 -15.54
N ARG B 125 -12.76 -7.14 -15.96
CA ARG B 125 -13.70 -8.02 -15.27
C ARG B 125 -13.69 -9.41 -15.90
N LEU B 126 -13.42 -10.42 -15.09
CA LEU B 126 -13.15 -11.77 -15.54
C LEU B 126 -14.33 -12.72 -15.36
N GLU B 127 -15.43 -12.27 -14.77
CA GLU B 127 -16.56 -13.17 -14.52
C GLU B 127 -17.29 -13.51 -15.81
N GLU B 128 -17.69 -14.78 -15.93
CA GLU B 128 -18.49 -15.21 -17.09
C GLU B 128 -19.70 -14.32 -17.26
N ASP B 129 -20.57 -14.29 -16.26
CA ASP B 129 -21.79 -13.52 -16.34
C ASP B 129 -21.55 -12.20 -15.62
N LYS B 130 -21.30 -11.15 -16.41
CA LYS B 130 -21.15 -9.81 -15.84
C LYS B 130 -22.46 -9.26 -15.31
N GLU B 131 -23.58 -9.93 -15.56
CA GLU B 131 -24.84 -9.49 -14.94
C GLU B 131 -24.94 -9.96 -13.50
N ARG B 132 -24.40 -11.14 -13.20
CA ARG B 132 -24.55 -11.78 -11.89
C ARG B 132 -23.30 -11.74 -11.04
N GLY B 133 -22.14 -12.03 -11.59
CA GLY B 133 -20.96 -12.21 -10.77
C GLY B 133 -20.86 -13.61 -10.20
N VAL B 134 -19.95 -13.74 -9.24
CA VAL B 134 -19.69 -15.02 -8.58
C VAL B 134 -20.23 -14.93 -7.17
N ARG B 135 -21.09 -15.89 -6.79
CA ARG B 135 -21.72 -15.93 -5.47
C ARG B 135 -20.98 -16.94 -4.59
N THR B 136 -20.32 -16.44 -3.56
CA THR B 136 -19.55 -17.28 -2.62
C THR B 136 -20.46 -17.85 -1.55
N ILE B 137 -20.49 -19.18 -1.46
CA ILE B 137 -21.42 -19.89 -0.58
C ILE B 137 -20.68 -20.91 0.29
N HIS B 138 -21.44 -21.76 0.99
CA HIS B 138 -20.92 -22.93 1.70
C HIS B 138 -19.85 -22.59 2.75
N PHE B 139 -20.03 -21.46 3.43
CA PHE B 139 -19.25 -21.13 4.61
C PHE B 139 -20.24 -20.78 5.71
N ASP B 140 -19.83 -21.03 6.96
CA ASP B 140 -20.53 -20.51 8.12
C ASP B 140 -19.53 -20.40 9.26
N TRP B 141 -19.85 -19.54 10.22
CA TRP B 141 -19.19 -19.59 11.52
C TRP B 141 -19.38 -20.98 12.13
N LYS B 142 -18.31 -21.53 12.68
CA LYS B 142 -18.37 -22.84 13.32
C LYS B 142 -19.32 -22.81 14.54
N ASP B 143 -19.48 -21.64 15.16
CA ASP B 143 -20.37 -21.55 16.33
C ASP B 143 -21.01 -20.16 16.30
N ARG B 144 -21.98 -20.00 15.40
CA ARG B 144 -22.47 -18.68 15.02
C ARG B 144 -23.08 -17.95 16.20
N LYS B 145 -23.75 -18.69 17.09
CA LYS B 145 -24.43 -18.07 18.23
C LYS B 145 -23.42 -17.48 19.20
N LYS B 146 -22.31 -18.19 19.43
CA LYS B 146 -21.27 -17.69 20.32
C LYS B 146 -20.50 -16.55 19.67
N VAL B 147 -20.13 -16.72 18.40
CA VAL B 147 -19.47 -15.64 17.67
C VAL B 147 -20.31 -14.38 17.69
N THR B 148 -21.62 -14.51 17.49
CA THR B 148 -22.45 -13.32 17.35
C THR B 148 -22.58 -12.57 18.66
N GLU B 149 -22.71 -13.29 19.79
CA GLU B 149 -22.85 -12.61 21.07
C GLU B 149 -21.58 -11.85 21.42
N LYS B 150 -20.42 -12.47 21.18
CA LYS B 150 -19.14 -11.80 21.39
C LYS B 150 -19.05 -10.53 20.56
N LEU B 151 -19.33 -10.64 19.25
CA LEU B 151 -19.15 -9.52 18.33
C LEU B 151 -20.16 -8.41 18.59
N LEU B 152 -21.39 -8.79 18.93
CA LEU B 152 -22.34 -7.76 19.34
C LEU B 152 -21.87 -7.07 20.61
N LYS B 153 -21.31 -7.84 21.57
CA LYS B 153 -20.81 -7.24 22.80
C LYS B 153 -19.58 -6.35 22.56
N GLU B 154 -18.88 -6.56 21.45
CA GLU B 154 -17.76 -5.69 21.11
C GLU B 154 -18.17 -4.44 20.34
N GLY B 155 -19.45 -4.30 19.96
CA GLY B 155 -19.97 -3.09 19.36
C GLY B 155 -20.40 -3.20 17.91
N TYR B 156 -20.04 -4.28 17.22
CA TYR B 156 -20.44 -4.46 15.83
C TYR B 156 -21.89 -4.93 15.76
N THR B 157 -22.39 -4.97 14.54
CA THR B 157 -23.75 -5.38 14.31
C THR B 157 -23.78 -6.73 13.59
N LEU B 158 -25.00 -7.21 13.34
CA LEU B 158 -25.17 -8.50 12.67
C LEU B 158 -24.55 -8.49 11.28
N ARG B 159 -24.61 -7.35 10.57
CA ARG B 159 -24.09 -7.29 9.21
C ARG B 159 -22.58 -7.50 9.18
N THR B 160 -21.89 -7.07 10.24
CA THR B 160 -20.46 -7.36 10.38
C THR B 160 -20.22 -8.84 10.55
N VAL B 161 -21.03 -9.49 11.41
CA VAL B 161 -20.91 -10.93 11.61
C VAL B 161 -20.92 -11.66 10.27
N ASP B 162 -21.87 -11.30 9.40
CA ASP B 162 -21.96 -12.00 8.12
C ASP B 162 -20.82 -11.58 7.20
N ALA B 163 -20.51 -10.29 7.15
CA ALA B 163 -19.47 -9.81 6.24
C ALA B 163 -18.12 -10.43 6.59
N LEU B 164 -17.85 -10.61 7.88
CA LEU B 164 -16.55 -11.14 8.31
C LEU B 164 -16.33 -12.56 7.80
N ALA B 165 -17.31 -13.45 8.01
CA ALA B 165 -17.14 -14.84 7.59
C ALA B 165 -17.06 -14.95 6.07
N LEU B 166 -17.91 -14.22 5.34
CA LEU B 166 -17.86 -14.23 3.87
C LEU B 166 -16.48 -13.81 3.38
N THR B 167 -16.04 -12.61 3.74
CA THR B 167 -14.77 -12.09 3.27
C THR B 167 -13.62 -13.01 3.67
N PHE B 168 -13.68 -13.58 4.88
CA PHE B 168 -12.59 -14.45 5.31
C PHE B 168 -12.56 -15.72 4.48
N LYS B 169 -13.74 -16.21 4.08
CA LYS B 169 -13.73 -17.32 3.16
C LYS B 169 -13.08 -16.91 1.83
N ASN B 170 -13.40 -15.70 1.34
CA ASN B 170 -12.83 -15.23 0.08
C ASN B 170 -11.30 -15.27 0.07
N LEU B 171 -10.68 -14.52 0.99
CA LEU B 171 -9.23 -14.49 1.10
C LEU B 171 -8.65 -15.89 1.28
N PHE B 172 -9.37 -16.73 2.04
CA PHE B 172 -8.95 -18.12 2.22
C PHE B 172 -8.83 -18.86 0.90
N CYS B 173 -9.70 -18.54 -0.07
CA CYS B 173 -9.74 -19.24 -1.35
C CYS B 173 -8.73 -18.72 -2.34
N GLY B 174 -7.87 -17.78 -1.93
CA GLY B 174 -6.88 -17.20 -2.82
C GLY B 174 -7.23 -15.84 -3.35
N VAL B 175 -8.38 -15.29 -2.96
CA VAL B 175 -8.73 -13.95 -3.39
C VAL B 175 -7.80 -12.96 -2.70
N VAL B 176 -7.09 -12.16 -3.50
CA VAL B 176 -6.02 -11.32 -2.94
C VAL B 176 -6.59 -10.26 -2.02
N ALA B 177 -7.57 -9.50 -2.50
CA ALA B 177 -8.19 -8.46 -1.70
C ALA B 177 -9.65 -8.33 -2.14
N GLU B 178 -10.40 -7.51 -1.41
CA GLU B 178 -11.83 -7.35 -1.66
C GLU B 178 -12.25 -5.92 -1.35
N LEU B 179 -13.09 -5.35 -2.21
CA LEU B 179 -13.70 -4.05 -2.00
C LEU B 179 -15.21 -4.23 -1.97
N CYS B 180 -15.85 -3.68 -0.94
CA CYS B 180 -17.26 -3.98 -0.71
C CYS B 180 -17.95 -2.78 -0.08
N TRP B 181 -19.19 -2.53 -0.48
CA TRP B 181 -20.11 -1.81 0.37
C TRP B 181 -21.53 -2.26 0.06
N SER B 182 -22.42 -2.10 1.04
CA SER B 182 -23.78 -2.61 0.97
C SER B 182 -24.60 -1.84 -0.06
N ASP B 183 -25.63 -2.50 -0.60
CA ASP B 183 -26.60 -1.79 -1.43
C ASP B 183 -27.81 -1.33 -0.63
N ASP B 184 -27.98 -1.81 0.59
CA ASP B 184 -28.96 -1.24 1.50
C ASP B 184 -28.71 0.26 1.59
N PRO B 185 -29.69 1.10 1.25
CA PRO B 185 -29.39 2.55 1.19
C PRO B 185 -29.02 3.12 2.55
N ASP B 186 -29.52 2.53 3.64
CA ASP B 186 -29.34 3.14 4.94
C ASP B 186 -28.03 2.75 5.61
N TYR B 187 -27.49 1.58 5.28
CA TYR B 187 -26.20 1.13 5.83
C TYR B 187 -25.10 1.63 4.91
N VAL B 188 -24.28 2.55 5.42
CA VAL B 188 -23.23 3.17 4.60
C VAL B 188 -21.83 2.71 4.98
N THR B 189 -21.66 1.99 6.10
CA THR B 189 -20.35 1.46 6.50
C THR B 189 -19.97 0.29 5.63
N GLY B 190 -18.99 0.49 4.74
CA GLY B 190 -18.41 -0.57 3.94
C GLY B 190 -17.07 -1.03 4.50
N TYR B 191 -16.29 -1.70 3.65
CA TYR B 191 -14.99 -2.15 4.13
C TYR B 191 -14.05 -2.47 2.95
N VAL B 192 -12.80 -2.72 3.32
CA VAL B 192 -11.77 -3.20 2.42
C VAL B 192 -11.02 -4.31 3.15
N SER B 193 -10.63 -5.36 2.42
CA SER B 193 -10.15 -6.59 3.05
C SER B 193 -8.96 -7.21 2.33
N GLY B 194 -8.02 -7.73 3.12
CA GLY B 194 -6.88 -8.48 2.62
C GLY B 194 -6.11 -9.09 3.78
N LYS B 195 -5.14 -9.94 3.45
CA LYS B 195 -4.43 -10.68 4.49
C LYS B 195 -3.50 -9.79 5.30
N GLU B 196 -2.84 -8.81 4.68
CA GLU B 196 -1.93 -7.92 5.41
C GLU B 196 -2.68 -6.78 6.11
N ILE B 197 -3.71 -6.21 5.48
CA ILE B 197 -4.44 -5.08 6.07
C ILE B 197 -5.57 -5.50 6.99
N GLY B 198 -5.96 -6.78 6.98
CA GLY B 198 -7.05 -7.23 7.82
C GLY B 198 -8.40 -6.83 7.27
N TYR B 199 -9.37 -6.67 8.17
CA TYR B 199 -10.72 -6.25 7.82
C TYR B 199 -10.86 -4.78 8.21
N VAL B 200 -10.92 -3.89 7.23
CA VAL B 200 -10.85 -2.44 7.46
C VAL B 200 -12.24 -1.86 7.27
N ARG B 201 -12.90 -1.48 8.37
CA ARG B 201 -14.23 -0.87 8.31
C ARG B 201 -14.12 0.62 8.00
N ILE B 202 -14.86 1.06 7.00
CA ILE B 202 -14.81 2.43 6.49
C ILE B 202 -16.24 2.93 6.36
N THR B 203 -16.54 4.07 6.97
CA THR B 203 -17.89 4.65 6.82
C THR B 203 -17.87 5.69 5.67
N PRO B 204 -18.92 6.52 5.53
CA PRO B 204 -19.60 6.61 4.22
C PRO B 204 -18.78 6.16 3.01
N LEU B 205 -19.03 4.98 2.46
CA LEU B 205 -18.58 4.71 1.09
C LEU B 205 -19.63 5.13 0.08
N LYS B 206 -20.76 5.67 0.54
CA LYS B 206 -21.81 6.14 -0.35
C LYS B 206 -22.67 7.15 0.39
N GLU B 207 -23.23 8.08 -0.38
CA GLU B 207 -24.17 9.05 0.16
C GLU B 207 -25.38 8.31 0.71
N LYS B 208 -25.64 8.46 2.02
CA LYS B 208 -26.77 7.79 2.62
C LYS B 208 -28.04 8.14 1.85
N GLY B 209 -28.79 7.11 1.47
CA GLY B 209 -29.80 7.23 0.45
C GLY B 209 -29.40 6.61 -0.88
N ASP B 210 -28.12 6.35 -1.10
CA ASP B 210 -27.67 5.69 -2.34
C ASP B 210 -28.10 4.23 -2.35
N PRO B 211 -28.69 3.73 -3.43
CA PRO B 211 -29.24 2.37 -3.44
C PRO B 211 -28.34 1.28 -4.00
N LEU B 212 -27.14 1.60 -4.46
CA LEU B 212 -26.27 0.61 -5.09
C LEU B 212 -25.15 0.17 -4.14
N GLY B 213 -24.74 -1.08 -4.30
CA GLY B 213 -23.61 -1.64 -3.60
C GLY B 213 -22.98 -2.80 -4.37
N GLY B 214 -22.20 -3.62 -3.67
CA GLY B 214 -21.62 -4.81 -4.26
C GLY B 214 -20.18 -5.03 -3.85
N ARG B 215 -19.56 -6.04 -4.46
CA ARG B 215 -18.25 -6.55 -4.06
C ARG B 215 -17.32 -6.72 -5.27
N VAL B 216 -16.05 -6.40 -5.07
CA VAL B 216 -15.00 -6.64 -6.07
C VAL B 216 -13.94 -7.52 -5.43
N TYR B 217 -13.69 -8.69 -6.03
CA TYR B 217 -12.60 -9.55 -5.59
C TYR B 217 -11.42 -9.37 -6.56
N PHE B 218 -10.28 -8.97 -6.02
CA PHE B 218 -9.05 -8.84 -6.80
C PHE B 218 -8.35 -10.20 -6.83
N VAL B 219 -8.22 -10.77 -8.03
CA VAL B 219 -7.77 -12.15 -8.20
C VAL B 219 -6.70 -12.21 -9.28
N SER B 220 -5.69 -13.04 -9.04
CA SER B 220 -4.66 -13.33 -10.02
C SER B 220 -5.22 -14.25 -11.11
N ARG B 221 -5.09 -13.82 -12.38
CA ARG B 221 -5.80 -14.47 -13.47
C ARG B 221 -5.44 -15.94 -13.62
N LYS B 222 -4.27 -16.34 -13.10
CA LYS B 222 -3.77 -17.68 -13.34
C LYS B 222 -4.50 -18.72 -12.48
N GLU B 223 -4.73 -18.43 -11.20
CA GLU B 223 -5.51 -19.32 -10.34
C GLU B 223 -6.99 -18.96 -10.35
N LEU B 224 -7.47 -18.36 -11.44
CA LEU B 224 -8.89 -18.04 -11.58
C LEU B 224 -9.78 -19.27 -11.39
N SER B 225 -9.36 -20.41 -11.97
CA SER B 225 -10.20 -21.60 -11.94
C SER B 225 -10.28 -22.19 -10.52
N GLU B 226 -9.13 -22.29 -9.85
CA GLU B 226 -9.12 -22.79 -8.48
C GLU B 226 -9.92 -21.88 -7.56
N ILE B 227 -9.75 -20.57 -7.69
CA ILE B 227 -10.46 -19.65 -6.80
C ILE B 227 -11.97 -19.85 -6.90
N ILE B 228 -12.50 -19.79 -8.13
CA ILE B 228 -13.95 -19.90 -8.33
C ILE B 228 -14.50 -21.16 -7.67
N GLU B 229 -13.90 -22.31 -7.99
CA GLU B 229 -14.46 -23.53 -7.43
C GLU B 229 -14.31 -23.58 -5.91
N CYS B 230 -13.26 -22.94 -5.37
CA CYS B 230 -13.15 -22.84 -3.92
C CYS B 230 -14.25 -21.96 -3.35
N LEU B 231 -14.56 -20.84 -4.00
CA LEU B 231 -15.67 -19.99 -3.55
C LEU B 231 -17.02 -20.70 -3.67
N THR B 232 -17.22 -21.49 -4.72
CA THR B 232 -18.56 -21.95 -5.07
C THR B 232 -18.87 -23.34 -4.53
N GLN B 233 -17.86 -24.18 -4.31
CA GLN B 233 -18.05 -25.59 -3.96
C GLN B 233 -17.54 -25.99 -2.57
N LYS B 234 -16.40 -25.48 -2.13
CA LYS B 234 -15.76 -25.97 -0.91
C LYS B 234 -16.47 -25.45 0.34
N VAL B 235 -16.91 -26.38 1.19
CA VAL B 235 -17.60 -26.06 2.44
C VAL B 235 -16.56 -25.78 3.50
N VAL B 236 -16.63 -24.59 4.10
CA VAL B 236 -15.64 -24.16 5.07
C VAL B 236 -16.37 -23.69 6.32
N LEU B 237 -16.01 -24.25 7.48
CA LEU B 237 -16.43 -23.70 8.75
C LEU B 237 -15.35 -22.77 9.29
N ILE B 238 -15.76 -21.61 9.80
CA ILE B 238 -14.84 -20.60 10.29
C ILE B 238 -14.97 -20.52 11.81
N GLU B 239 -13.83 -20.58 12.49
CA GLU B 239 -13.74 -20.70 13.94
C GLU B 239 -13.08 -19.44 14.51
N LEU B 240 -13.59 -18.97 15.63
CA LEU B 240 -12.93 -17.87 16.35
C LEU B 240 -12.07 -18.42 17.51
#